data_6Z2C
#
_entry.id   6Z2C
#
_cell.length_a   96.385
_cell.length_b   39.034
_cell.length_c   96.385
_cell.angle_alpha   90.000
_cell.angle_beta   120.000
_cell.angle_gamma   90.000
#
_symmetry.space_group_name_H-M   'P 1 2 1'
#
loop_
_entity.id
_entity.type
_entity.pdbx_description
1 polymer 'Neutrophil gelatinase-associated lipocalin'
2 non-polymer 1,7,8,9,10,10-hexachloro-4-carboxypentyl-4-aza-tricyclo[5.2.1.0(2,6)]dec-8-ene-3,5-dione
3 water water
#
_entity_poly.entity_id   1
_entity_poly.type   'polypeptide(L)'
_entity_poly.pdbx_seq_one_letter_code
;QDSTSDLIPAPPLSKVPLQQNFQDNQFHGKWYVVGMAGNGDLREDKDPYKMRATIYELKEDKSYNVTWVWFLPKKCKYFI
NTFVPGSQPGEFTLGLIKSYPGQTSLLVRVVSTNYNQHAMVFFKTVIQNRERFYITLYGRTKELTSELKENFIRFSKSLG
LPENHIVFPVPIDQCIDGSAWSHPQFEK
;
_entity_poly.pdbx_strand_id   A,B,C
#
loop_
_chem_comp.id
_chem_comp.type
_chem_comp.name
_chem_comp.formula
Q5E non-polymer 1,7,8,9,10,10-hexachloro-4-carboxypentyl-4-aza-tricyclo[5.2.1.0(2,6)]dec-8-ene-3,5-dione 'C15 H13 Cl6 N O4'
#
# COMPACT_ATOMS: atom_id res chain seq x y z
N SER A 3 -7.36 -4.50 35.88
CA SER A 3 -6.25 -5.47 35.62
C SER A 3 -5.40 -4.97 34.44
N THR A 4 -5.40 -3.66 34.21
CA THR A 4 -5.10 -3.04 32.90
C THR A 4 -3.68 -3.37 32.44
N SER A 5 -3.44 -3.02 31.19
CA SER A 5 -2.11 -2.88 30.55
C SER A 5 -1.80 -1.37 30.49
N ASP A 6 -0.51 -1.03 30.40
CA ASP A 6 0.00 0.37 30.31
C ASP A 6 -0.07 0.89 28.87
N LEU A 7 0.09 0.01 27.87
CA LEU A 7 0.08 0.37 26.43
C LEU A 7 -0.68 -0.70 25.62
N ILE A 8 -1.60 -0.27 24.75
CA ILE A 8 -2.15 -1.14 23.67
C ILE A 8 -1.03 -1.39 22.66
N PRO A 9 -0.74 -2.65 22.26
CA PRO A 9 0.32 -2.91 21.30
C PRO A 9 0.14 -2.11 20.00
N ALA A 10 1.25 -1.65 19.42
CA ALA A 10 1.30 -0.94 18.13
C ALA A 10 0.85 -1.87 17.00
N PRO A 11 0.03 -1.36 16.05
CA PRO A 11 -0.44 -2.17 14.92
C PRO A 11 0.67 -2.42 13.92
N PRO A 12 0.58 -3.48 13.08
CA PRO A 12 1.47 -3.60 11.93
C PRO A 12 1.14 -2.45 10.97
N LEU A 13 2.17 -1.81 10.40
CA LEU A 13 2.01 -0.64 9.49
C LEU A 13 1.20 -1.02 8.24
N SER A 14 1.00 -2.32 7.96
CA SER A 14 0.10 -2.80 6.88
C SER A 14 -1.37 -2.46 7.19
N LYS A 15 -1.70 -2.13 8.46
CA LYS A 15 -3.06 -1.75 8.91
C LYS A 15 -3.24 -0.22 8.84
N VAL A 16 -2.21 0.53 8.45
CA VAL A 16 -2.24 2.03 8.41
C VAL A 16 -2.12 2.46 6.95
N PRO A 17 -3.23 2.71 6.22
CA PRO A 17 -3.13 3.09 4.81
C PRO A 17 -2.58 4.52 4.65
N LEU A 18 -2.19 4.90 3.43
CA LEU A 18 -1.83 6.33 3.11
C LEU A 18 -2.84 6.89 2.12
N GLN A 19 -3.25 8.14 2.34
CA GLN A 19 -4.05 8.94 1.39
C GLN A 19 -3.37 8.88 0.02
N GLN A 20 -4.06 8.37 -0.99
CA GLN A 20 -3.56 8.31 -2.39
C GLN A 20 -3.39 9.72 -2.96
N ASN A 21 -2.38 9.90 -3.80
CA ASN A 21 -2.14 11.14 -4.59
C ASN A 21 -1.96 12.34 -3.65
N PHE A 22 -1.20 12.17 -2.56
CA PHE A 22 -0.94 13.23 -1.56
C PHE A 22 -0.36 14.48 -2.24
N GLN A 23 -0.99 15.65 -2.00
CA GLN A 23 -0.62 17.01 -2.51
C GLN A 23 -0.06 17.88 -1.36
N ASP A 24 1.26 17.93 -1.23
CA ASP A 24 1.97 18.65 -0.12
C ASP A 24 1.48 20.11 0.00
N ASN A 25 1.28 20.82 -1.11
CA ASN A 25 0.92 22.28 -1.12
C ASN A 25 -0.52 22.50 -0.62
N GLN A 26 -1.43 21.53 -0.82
CA GLN A 26 -2.87 21.62 -0.43
C GLN A 26 -3.07 21.23 1.04
N PHE A 27 -2.10 20.54 1.67
CA PHE A 27 -2.15 20.15 3.11
C PHE A 27 -1.58 21.27 4.01
N HIS A 28 -0.75 22.16 3.45
CA HIS A 28 -0.17 23.38 4.08
C HIS A 28 -1.24 24.17 4.85
N GLY A 29 -0.86 24.73 6.02
CA GLY A 29 -1.64 25.74 6.76
C GLY A 29 -2.20 25.21 8.07
N LYS A 30 -3.26 25.86 8.57
CA LYS A 30 -3.78 25.63 9.95
C LYS A 30 -4.84 24.52 9.95
N TRP A 31 -4.76 23.65 10.96
CA TRP A 31 -5.73 22.55 11.23
C TRP A 31 -6.08 22.55 12.72
N TYR A 32 -7.37 22.40 13.03
CA TYR A 32 -7.92 22.31 14.41
C TYR A 32 -8.14 20.84 14.80
N VAL A 33 -7.84 20.47 16.04
CA VAL A 33 -8.14 19.11 16.58
C VAL A 33 -9.65 19.02 16.86
N VAL A 34 -10.31 18.04 16.23
CA VAL A 34 -11.73 17.69 16.47
C VAL A 34 -11.79 16.39 17.30
N GLY A 35 -10.85 15.45 17.04
CA GLY A 35 -10.78 14.14 17.71
C GLY A 35 -9.34 13.69 17.94
N MET A 36 -9.08 13.01 19.06
CA MET A 36 -7.74 12.43 19.38
C MET A 36 -7.90 11.08 20.09
N ALA A 37 -7.06 10.10 19.74
CA ALA A 37 -7.04 8.74 20.33
C ALA A 37 -5.60 8.25 20.43
N GLY A 38 -5.28 7.43 21.43
CA GLY A 38 -3.90 6.98 21.71
C GLY A 38 -3.83 5.68 22.51
N ASN A 39 -2.66 5.06 22.57
CA ASN A 39 -2.49 3.69 23.12
C ASN A 39 -2.18 3.76 24.64
N GLY A 40 -2.06 4.96 25.22
CA GLY A 40 -1.93 5.16 26.69
C GLY A 40 -3.29 5.30 27.37
N ASP A 41 -3.39 4.86 28.64
CA ASP A 41 -4.57 5.10 29.51
C ASP A 41 -4.71 6.62 29.70
N LEU A 42 -5.88 7.20 29.41
CA LEU A 42 -6.08 8.67 29.44
C LEU A 42 -6.05 9.18 30.90
N ARG A 43 -6.14 8.28 31.89
CA ARG A 43 -6.00 8.60 33.34
C ARG A 43 -4.54 8.93 33.69
N GLU A 44 -3.59 8.53 32.84
N GLU A 44 -3.58 8.52 32.85
CA GLU A 44 -2.12 8.69 33.06
CA GLU A 44 -2.12 8.68 33.07
C GLU A 44 -1.51 9.58 31.97
C GLU A 44 -1.51 9.58 31.97
N ASP A 45 -1.86 9.35 30.70
CA ASP A 45 -1.22 9.98 29.52
C ASP A 45 -1.98 11.28 29.21
N LYS A 46 -1.59 12.41 29.81
CA LYS A 46 -2.38 13.68 29.79
C LYS A 46 -1.82 14.70 28.77
N ASP A 47 -0.50 14.74 28.56
CA ASP A 47 0.16 15.85 27.82
C ASP A 47 -0.33 15.88 26.36
N PRO A 48 -0.37 14.76 25.60
CA PRO A 48 -0.78 14.79 24.18
C PRO A 48 -2.17 15.42 23.95
N TYR A 49 -3.07 15.31 24.92
CA TYR A 49 -4.50 15.75 24.81
C TYR A 49 -4.61 17.26 25.08
N LYS A 50 -3.52 17.90 25.51
CA LYS A 50 -3.41 19.38 25.61
C LYS A 50 -3.27 20.02 24.21
N MET A 51 -2.86 19.24 23.21
CA MET A 51 -2.57 19.74 21.84
C MET A 51 -3.88 19.96 21.07
N ARG A 52 -4.22 21.20 20.72
CA ARG A 52 -5.56 21.59 20.15
C ARG A 52 -5.46 22.19 18.74
N ALA A 53 -4.27 22.47 18.22
CA ALA A 53 -4.08 22.93 16.81
C ALA A 53 -2.66 22.65 16.31
N THR A 54 -2.49 22.64 14.98
CA THR A 54 -1.17 22.46 14.32
C THR A 54 -1.12 23.34 13.07
N ILE A 55 0.00 24.01 12.84
CA ILE A 55 0.32 24.74 11.59
C ILE A 55 1.44 23.99 10.84
N TYR A 56 1.15 23.51 9.62
CA TYR A 56 2.07 22.78 8.70
C TYR A 56 2.55 23.73 7.59
N GLU A 57 3.77 24.26 7.70
N GLU A 57 3.78 24.25 7.71
CA GLU A 57 4.35 25.26 6.76
CA GLU A 57 4.34 25.25 6.75
C GLU A 57 5.28 24.56 5.77
C GLU A 57 5.28 24.55 5.76
N LEU A 58 4.86 24.39 4.51
CA LEU A 58 5.67 23.77 3.43
C LEU A 58 6.84 24.71 3.07
N LYS A 59 8.07 24.19 3.11
CA LYS A 59 9.32 24.94 2.81
C LYS A 59 9.79 24.60 1.38
N GLU A 60 10.71 25.40 0.85
CA GLU A 60 11.20 25.24 -0.54
C GLU A 60 11.85 23.86 -0.70
N ASP A 61 12.46 23.35 0.38
N ASP A 61 12.46 23.34 0.37
CA ASP A 61 13.21 22.06 0.39
CA ASP A 61 13.21 22.05 0.37
C ASP A 61 12.25 20.86 0.54
C ASP A 61 12.25 20.86 0.54
N LYS A 62 10.93 21.09 0.52
CA LYS A 62 9.86 20.04 0.56
C LYS A 62 9.65 19.48 1.98
N SER A 63 10.41 19.92 2.98
CA SER A 63 10.10 19.62 4.42
C SER A 63 8.93 20.52 4.87
N TYR A 64 8.29 20.20 6.01
CA TYR A 64 7.38 21.12 6.74
C TYR A 64 8.04 21.61 8.03
N ASN A 65 7.94 22.92 8.29
CA ASN A 65 8.09 23.54 9.62
C ASN A 65 6.75 23.42 10.35
N VAL A 66 6.71 22.69 11.45
CA VAL A 66 5.43 22.26 12.12
C VAL A 66 5.34 22.91 13.52
N THR A 67 4.33 23.76 13.74
CA THR A 67 4.02 24.42 15.03
C THR A 67 2.86 23.73 15.74
N TRP A 68 3.08 23.27 16.97
CA TRP A 68 2.10 22.58 17.85
C TRP A 68 1.64 23.53 18.95
N VAL A 69 0.32 23.71 19.10
CA VAL A 69 -0.30 24.64 20.09
C VAL A 69 -0.97 23.81 21.20
N TRP A 70 -0.50 23.94 22.46
CA TRP A 70 -1.09 23.32 23.66
C TRP A 70 -1.90 24.37 24.42
N PHE A 71 -3.10 23.99 24.88
CA PHE A 71 -3.99 24.81 25.75
C PHE A 71 -3.88 24.30 27.20
N LEU A 72 -3.47 25.19 28.11
CA LEU A 72 -3.52 25.00 29.58
C LEU A 72 -4.48 26.02 30.18
N PRO A 73 -5.04 25.77 31.38
CA PRO A 73 -6.07 26.65 31.94
C PRO A 73 -5.62 28.09 32.25
N LYS A 74 -4.31 28.36 32.38
CA LYS A 74 -3.82 29.73 32.66
C LYS A 74 -2.64 30.09 31.74
N LYS A 75 -2.42 29.36 30.63
CA LYS A 75 -1.38 29.71 29.63
C LYS A 75 -1.52 28.87 28.37
N CYS A 76 -0.81 29.32 27.32
CA CYS A 76 -0.53 28.55 26.09
C CYS A 76 0.91 28.06 26.17
N LYS A 77 1.19 26.94 25.51
CA LYS A 77 2.57 26.45 25.26
C LYS A 77 2.68 26.10 23.79
N TYR A 78 3.88 26.21 23.22
CA TYR A 78 4.15 26.05 21.76
C TYR A 78 5.42 25.21 21.58
N PHE A 79 5.43 24.34 20.57
CA PHE A 79 6.59 23.49 20.17
C PHE A 79 6.75 23.58 18.65
N ILE A 80 7.99 23.56 18.16
CA ILE A 80 8.28 23.52 16.69
C ILE A 80 9.25 22.37 16.43
N ASN A 81 8.95 21.56 15.40
CA ASN A 81 9.83 20.47 14.89
C ASN A 81 9.68 20.40 13.36
N THR A 82 10.39 19.47 12.72
CA THR A 82 10.57 19.42 11.24
C THR A 82 10.20 18.04 10.70
N PHE A 83 9.29 17.97 9.71
CA PHE A 83 8.88 16.73 8.99
C PHE A 83 9.68 16.61 7.69
N VAL A 84 10.49 15.56 7.56
CA VAL A 84 11.28 15.22 6.33
C VAL A 84 10.45 14.21 5.53
N PRO A 85 10.23 14.42 4.21
CA PRO A 85 9.46 13.46 3.42
C PRO A 85 10.08 12.04 3.44
N GLY A 86 9.23 11.02 3.68
CA GLY A 86 9.62 9.60 3.83
C GLY A 86 9.67 8.87 2.49
N SER A 87 9.41 7.55 2.50
CA SER A 87 9.60 6.65 1.34
C SER A 87 8.49 6.85 0.28
N GLN A 88 7.43 7.56 0.63
CA GLN A 88 6.15 7.59 -0.12
C GLN A 88 5.50 8.93 0.16
N PRO A 89 4.85 9.61 -0.80
CA PRO A 89 4.02 10.80 -0.54
C PRO A 89 2.93 10.59 0.52
N GLY A 90 2.93 11.46 1.55
CA GLY A 90 2.05 11.41 2.73
C GLY A 90 2.74 10.89 3.98
N GLU A 91 3.97 10.36 3.88
CA GLU A 91 4.75 9.76 5.00
C GLU A 91 5.93 10.69 5.35
N PHE A 92 6.31 10.76 6.63
CA PHE A 92 7.38 11.66 7.14
C PHE A 92 8.11 11.04 8.33
N THR A 93 9.36 11.48 8.53
CA THR A 93 10.19 11.22 9.73
C THR A 93 10.61 12.55 10.35
N LEU A 94 11.21 12.52 11.54
CA LEU A 94 11.62 13.73 12.29
C LEU A 94 12.97 14.25 11.76
N GLY A 95 13.04 15.56 11.46
CA GLY A 95 14.26 16.32 11.14
C GLY A 95 15.03 16.70 12.41
N LEU A 96 16.25 17.22 12.34
CA LEU A 96 16.97 17.49 13.60
C LEU A 96 16.82 18.96 14.04
N ILE A 97 16.10 19.80 13.30
CA ILE A 97 15.73 21.19 13.73
C ILE A 97 14.48 21.10 14.63
N LYS A 98 14.60 21.40 15.91
CA LYS A 98 13.44 21.42 16.84
C LYS A 98 13.68 22.31 18.07
N SER A 99 12.60 22.62 18.80
CA SER A 99 12.60 23.54 19.97
C SER A 99 12.74 22.78 21.30
N TYR A 100 12.72 21.45 21.32
CA TYR A 100 12.93 20.61 22.53
C TYR A 100 14.10 19.64 22.33
N PRO A 101 14.99 19.45 23.33
CA PRO A 101 16.12 18.52 23.19
C PRO A 101 15.74 17.03 23.21
N GLY A 102 14.52 16.70 23.65
CA GLY A 102 14.09 15.32 23.99
C GLY A 102 13.88 14.39 22.79
N GLN A 103 14.78 13.41 22.63
CA GLN A 103 14.72 12.21 21.73
C GLN A 103 14.90 12.55 20.23
N THR A 104 14.63 11.57 19.35
CA THR A 104 14.93 11.63 17.88
C THR A 104 13.92 10.88 16.98
N SER A 105 12.94 10.13 17.51
CA SER A 105 12.15 9.14 16.70
C SER A 105 10.65 9.49 16.51
N LEU A 106 10.20 9.76 15.27
CA LEU A 106 8.75 9.91 14.92
C LEU A 106 8.52 9.34 13.52
N LEU A 107 7.48 8.51 13.34
CA LEU A 107 6.95 8.13 12.01
C LEU A 107 5.56 8.75 11.85
N VAL A 108 5.29 9.37 10.70
CA VAL A 108 4.00 10.07 10.40
C VAL A 108 3.43 9.49 9.12
N ARG A 109 2.13 9.18 9.11
CA ARG A 109 1.38 8.77 7.91
C ARG A 109 0.03 9.48 7.86
N VAL A 110 -0.21 10.26 6.80
CA VAL A 110 -1.55 10.88 6.53
C VAL A 110 -2.45 9.80 5.91
N VAL A 111 -3.44 9.31 6.66
CA VAL A 111 -4.31 8.15 6.33
C VAL A 111 -5.43 8.60 5.37
N SER A 112 -6.04 9.76 5.58
CA SER A 112 -7.16 10.31 4.76
C SER A 112 -7.22 11.84 4.85
N THR A 113 -7.43 12.53 3.73
CA THR A 113 -7.69 14.00 3.70
C THR A 113 -8.33 14.42 2.36
N ASN A 114 -9.18 15.45 2.40
CA ASN A 114 -9.68 16.14 1.17
C ASN A 114 -9.23 17.61 1.17
N TYR A 115 -8.30 17.98 2.06
CA TYR A 115 -7.50 19.25 2.04
C TYR A 115 -8.30 20.48 2.50
N ASN A 116 -9.63 20.53 2.27
CA ASN A 116 -10.48 21.73 2.53
C ASN A 116 -11.43 21.50 3.71
N GLN A 117 -11.51 20.29 4.27
CA GLN A 117 -12.52 19.89 5.31
C GLN A 117 -11.84 19.07 6.41
N HIS A 118 -11.40 17.84 6.11
CA HIS A 118 -10.92 16.88 7.15
C HIS A 118 -9.50 16.36 6.83
N ALA A 119 -8.78 15.93 7.86
CA ALA A 119 -7.51 15.14 7.78
C ALA A 119 -7.42 14.17 8.96
N MET A 120 -7.00 12.93 8.70
CA MET A 120 -6.77 11.93 9.79
C MET A 120 -5.31 11.47 9.68
N VAL A 121 -4.54 11.62 10.76
CA VAL A 121 -3.05 11.45 10.74
C VAL A 121 -2.63 10.47 11.84
N PHE A 122 -1.81 9.46 11.46
CA PHE A 122 -1.19 8.45 12.37
C PHE A 122 0.22 8.92 12.77
N PHE A 123 0.51 8.85 14.06
CA PHE A 123 1.83 9.20 14.66
C PHE A 123 2.34 8.02 15.50
N LYS A 124 3.62 7.67 15.35
CA LYS A 124 4.25 6.61 16.18
C LYS A 124 5.65 7.04 16.62
N THR A 125 5.94 6.94 17.93
CA THR A 125 7.22 7.32 18.54
C THR A 125 7.69 6.19 19.46
N VAL A 126 9.00 6.14 19.75
CA VAL A 126 9.58 5.18 20.74
C VAL A 126 10.05 6.00 21.95
N ILE A 127 9.49 5.67 23.13
CA ILE A 127 9.83 6.29 24.44
C ILE A 127 10.23 5.16 25.40
N GLN A 128 11.43 5.27 25.97
CA GLN A 128 11.96 4.28 26.95
C GLN A 128 11.82 2.88 26.34
N ASN A 129 12.25 2.72 25.08
CA ASN A 129 12.36 1.43 24.34
C ASN A 129 10.99 0.87 23.92
N ARG A 130 9.87 1.59 24.08
CA ARG A 130 8.55 1.04 23.67
C ARG A 130 7.74 2.03 22.82
N GLU A 131 6.91 1.49 21.92
CA GLU A 131 6.19 2.24 20.87
C GLU A 131 4.93 2.88 21.47
N ARG A 132 4.80 4.20 21.32
CA ARG A 132 3.55 4.96 21.59
C ARG A 132 2.94 5.40 20.26
N PHE A 133 1.61 5.40 20.14
CA PHE A 133 0.95 5.79 18.86
C PHE A 133 -0.37 6.53 19.13
N TYR A 134 -0.67 7.50 18.24
CA TYR A 134 -1.83 8.43 18.31
C TYR A 134 -2.47 8.52 16.92
N ILE A 135 -3.77 8.82 16.90
CA ILE A 135 -4.53 9.17 15.66
C ILE A 135 -5.25 10.49 15.94
N THR A 136 -4.99 11.51 15.13
CA THR A 136 -5.66 12.83 15.24
C THR A 136 -6.63 13.01 14.07
N LEU A 137 -7.88 13.40 14.35
CA LEU A 137 -8.88 13.87 13.37
C LEU A 137 -8.90 15.41 13.40
N TYR A 138 -8.44 16.05 12.32
CA TYR A 138 -8.36 17.51 12.14
C TYR A 138 -9.52 18.03 11.26
N GLY A 139 -9.91 19.29 11.47
CA GLY A 139 -10.83 20.07 10.62
C GLY A 139 -10.20 21.39 10.19
N ARG A 140 -10.57 21.92 9.02
CA ARG A 140 -10.17 23.31 8.61
C ARG A 140 -11.00 24.30 9.43
N THR A 141 -12.17 23.89 9.93
CA THR A 141 -12.97 24.60 10.97
C THR A 141 -12.91 23.80 12.28
N LYS A 142 -13.62 24.27 13.31
CA LYS A 142 -13.58 23.69 14.68
C LYS A 142 -14.58 22.52 14.80
N GLU A 143 -15.39 22.25 13.76
CA GLU A 143 -16.42 21.15 13.79
C GLU A 143 -16.35 20.30 12.52
N LEU A 144 -16.79 19.04 12.63
CA LEU A 144 -16.97 18.09 11.48
C LEU A 144 -18.34 17.42 11.61
N THR A 145 -18.78 16.72 10.55
CA THR A 145 -20.06 15.98 10.46
C THR A 145 -20.02 14.73 11.34
N SER A 146 -21.19 14.26 11.79
CA SER A 146 -21.41 12.97 12.51
C SER A 146 -20.67 11.83 11.79
N GLU A 147 -20.83 11.75 10.46
CA GLU A 147 -20.31 10.65 9.59
C GLU A 147 -18.78 10.59 9.69
N LEU A 148 -18.10 11.74 9.54
CA LEU A 148 -16.61 11.81 9.53
C LEU A 148 -16.05 11.43 10.93
N LYS A 149 -16.73 11.80 12.01
CA LYS A 149 -16.30 11.50 13.41
C LYS A 149 -16.49 10.00 13.67
N GLU A 150 -17.60 9.43 13.19
CA GLU A 150 -17.93 7.98 13.28
C GLU A 150 -16.89 7.15 12.51
N ASN A 151 -16.44 7.63 11.35
CA ASN A 151 -15.40 6.99 10.50
C ASN A 151 -14.08 6.90 11.29
N PHE A 152 -13.74 7.94 12.05
CA PHE A 152 -12.47 8.03 12.85
C PHE A 152 -12.55 7.06 14.06
N ILE A 153 -13.71 6.95 14.69
CA ILE A 153 -13.98 5.97 15.79
C ILE A 153 -13.76 4.56 15.23
N ARG A 154 -14.31 4.24 14.05
CA ARG A 154 -14.16 2.90 13.40
C ARG A 154 -12.68 2.59 13.14
N PHE A 155 -11.90 3.54 12.59
CA PHE A 155 -10.46 3.32 12.28
C PHE A 155 -9.68 3.12 13.60
N SER A 156 -9.94 3.95 14.60
CA SER A 156 -9.28 3.87 15.94
C SER A 156 -9.49 2.47 16.54
N LYS A 157 -10.74 2.00 16.52
CA LYS A 157 -11.13 0.64 17.00
C LYS A 157 -10.45 -0.47 16.18
N SER A 158 -10.23 -0.29 14.87
CA SER A 158 -9.56 -1.28 13.97
C SER A 158 -8.08 -1.46 14.34
N LEU A 159 -7.49 -0.50 15.05
CA LEU A 159 -6.07 -0.53 15.55
C LEU A 159 -6.02 -1.02 17.00
N GLY A 160 -7.16 -1.35 17.62
CA GLY A 160 -7.27 -2.01 18.93
C GLY A 160 -7.55 -1.07 20.09
N LEU A 161 -7.88 0.20 19.82
CA LEU A 161 -8.21 1.21 20.88
C LEU A 161 -9.67 1.05 21.32
N PRO A 162 -9.96 0.91 22.63
CA PRO A 162 -11.35 0.87 23.09
C PRO A 162 -11.97 2.28 23.14
N GLU A 163 -13.29 2.36 23.36
CA GLU A 163 -14.08 3.62 23.37
C GLU A 163 -13.43 4.66 24.29
N ASN A 164 -12.96 4.25 25.47
CA ASN A 164 -12.46 5.17 26.53
C ASN A 164 -11.02 5.61 26.25
N HIS A 165 -10.46 5.31 25.07
CA HIS A 165 -9.17 5.89 24.56
C HIS A 165 -9.43 6.90 23.44
N ILE A 166 -10.69 7.30 23.21
CA ILE A 166 -11.11 8.20 22.08
C ILE A 166 -11.91 9.37 22.63
N VAL A 167 -11.50 10.61 22.33
CA VAL A 167 -12.12 11.84 22.91
C VAL A 167 -12.21 12.93 21.84
N PHE A 168 -13.27 13.73 21.95
CA PHE A 168 -13.59 14.89 21.08
C PHE A 168 -13.62 16.13 21.96
N PRO A 169 -12.51 16.89 22.08
CA PRO A 169 -12.45 18.04 22.99
C PRO A 169 -13.45 19.14 22.62
N VAL A 170 -13.93 19.90 23.61
CA VAL A 170 -14.81 21.08 23.37
C VAL A 170 -13.98 22.14 22.65
N PRO A 171 -14.43 22.67 21.49
CA PRO A 171 -13.71 23.74 20.79
C PRO A 171 -13.44 24.95 21.71
N ILE A 172 -12.34 25.67 21.46
CA ILE A 172 -11.83 26.79 22.32
C ILE A 172 -11.44 28.00 21.47
N ASP A 173 -11.27 29.17 22.10
CA ASP A 173 -10.79 30.42 21.45
C ASP A 173 -9.34 30.73 21.86
N GLN A 174 -8.94 30.40 23.08
CA GLN A 174 -7.59 30.70 23.63
C GLN A 174 -6.53 29.93 22.83
N CYS A 175 -5.37 30.56 22.59
CA CYS A 175 -4.10 29.95 22.09
C CYS A 175 -4.13 29.69 20.57
N ILE A 176 -5.20 29.07 20.06
CA ILE A 176 -5.27 28.44 18.70
C ILE A 176 -5.70 29.47 17.63
N ASP A 177 -6.34 30.58 18.02
CA ASP A 177 -6.63 31.71 17.11
C ASP A 177 -5.39 32.61 17.04
N GLY A 178 -5.55 33.94 17.14
CA GLY A 178 -4.47 34.93 17.30
C GLY A 178 -4.10 35.61 16.00
N SER A 179 -2.79 35.81 15.77
CA SER A 179 -2.18 36.06 14.44
C SER A 179 -1.01 35.08 14.27
N ALA A 180 -1.33 33.85 13.83
CA ALA A 180 -0.44 32.67 13.79
C ALA A 180 -0.26 32.21 12.34
N SER B 3 -4.07 -34.30 -2.17
CA SER B 3 -3.88 -33.35 -1.02
C SER B 3 -4.31 -34.03 0.29
N THR B 4 -3.56 -33.76 1.36
CA THR B 4 -3.74 -34.29 2.74
C THR B 4 -4.12 -33.13 3.69
N SER B 5 -4.44 -31.97 3.12
CA SER B 5 -4.73 -30.72 3.86
C SER B 5 -6.23 -30.44 3.77
N ASP B 6 -6.75 -29.66 4.72
CA ASP B 6 -8.15 -29.18 4.85
C ASP B 6 -8.27 -27.84 4.08
N LEU B 7 -7.35 -26.93 4.40
CA LEU B 7 -7.39 -25.50 3.98
C LEU B 7 -5.97 -25.01 3.67
N ILE B 8 -5.79 -24.37 2.51
CA ILE B 8 -4.52 -23.67 2.17
C ILE B 8 -4.41 -22.44 3.08
N PRO B 9 -3.27 -22.21 3.76
CA PRO B 9 -3.14 -21.05 4.65
C PRO B 9 -3.43 -19.73 3.93
N ALA B 10 -4.09 -18.81 4.64
CA ALA B 10 -4.41 -17.44 4.17
C ALA B 10 -3.12 -16.64 4.00
N PRO B 11 -2.99 -15.86 2.89
CA PRO B 11 -1.79 -15.07 2.62
C PRO B 11 -1.64 -13.90 3.57
N PRO B 12 -0.42 -13.34 3.74
CA PRO B 12 -0.25 -12.05 4.40
C PRO B 12 -0.93 -10.98 3.51
N LEU B 13 -1.69 -10.07 4.12
CA LEU B 13 -2.56 -9.11 3.38
C LEU B 13 -1.68 -8.14 2.57
N SER B 14 -0.36 -8.09 2.85
CA SER B 14 0.63 -7.32 2.05
C SER B 14 0.76 -7.91 0.63
N LYS B 15 0.29 -9.14 0.41
CA LYS B 15 0.30 -9.81 -0.93
C LYS B 15 -1.00 -9.55 -1.69
N VAL B 16 -1.95 -8.83 -1.10
CA VAL B 16 -3.29 -8.55 -1.72
C VAL B 16 -3.39 -7.05 -2.00
N PRO B 17 -3.05 -6.58 -3.23
CA PRO B 17 -3.10 -5.14 -3.53
C PRO B 17 -4.55 -4.65 -3.61
N LEU B 18 -4.75 -3.32 -3.56
CA LEU B 18 -6.09 -2.69 -3.74
C LEU B 18 -6.06 -1.80 -5.00
N GLN B 19 -7.13 -1.87 -5.79
CA GLN B 19 -7.36 -1.03 -6.98
C GLN B 19 -7.17 0.43 -6.58
N GLN B 20 -6.23 1.12 -7.20
CA GLN B 20 -5.98 2.57 -6.93
C GLN B 20 -7.16 3.42 -7.37
N ASN B 21 -7.45 4.50 -6.64
CA ASN B 21 -8.45 5.54 -7.00
C ASN B 21 -9.83 4.91 -7.16
N PHE B 22 -10.21 4.00 -6.25
CA PHE B 22 -11.50 3.25 -6.32
C PHE B 22 -12.67 4.26 -6.36
N GLN B 23 -13.58 4.09 -7.35
CA GLN B 23 -14.81 4.91 -7.58
C GLN B 23 -16.07 4.08 -7.24
N ASP B 24 -16.59 4.24 -6.02
CA ASP B 24 -17.75 3.48 -5.48
C ASP B 24 -18.95 3.56 -6.44
N ASN B 25 -19.24 4.72 -7.04
CA ASN B 25 -20.44 4.93 -7.90
C ASN B 25 -20.31 4.14 -9.23
N GLN B 26 -19.09 3.95 -9.75
CA GLN B 26 -18.82 3.25 -11.03
C GLN B 26 -18.78 1.72 -10.87
N PHE B 27 -18.62 1.22 -9.63
CA PHE B 27 -18.63 -0.25 -9.30
C PHE B 27 -20.07 -0.75 -9.06
N HIS B 28 -21.01 0.15 -8.71
CA HIS B 28 -22.47 -0.10 -8.56
C HIS B 28 -23.02 -0.96 -9.72
N GLY B 29 -23.93 -1.89 -9.39
CA GLY B 29 -24.79 -2.59 -10.38
C GLY B 29 -24.48 -4.08 -10.47
N LYS B 30 -24.85 -4.70 -11.60
CA LYS B 30 -24.83 -6.18 -11.78
C LYS B 30 -23.47 -6.65 -12.30
N TRP B 31 -22.96 -7.74 -11.73
CA TRP B 31 -21.70 -8.43 -12.14
C TRP B 31 -21.98 -9.94 -12.22
N TYR B 32 -21.48 -10.60 -13.28
CA TYR B 32 -21.58 -12.06 -13.52
C TYR B 32 -20.28 -12.74 -13.10
N VAL B 33 -20.38 -13.93 -12.50
CA VAL B 33 -19.18 -14.76 -12.18
C VAL B 33 -18.65 -15.38 -13.48
N VAL B 34 -17.38 -15.11 -13.79
CA VAL B 34 -16.63 -15.72 -14.92
C VAL B 34 -15.63 -16.74 -14.36
N GLY B 35 -15.06 -16.47 -13.17
CA GLY B 35 -14.04 -17.31 -12.50
C GLY B 35 -14.19 -17.27 -10.98
N MET B 36 -13.89 -18.38 -10.29
CA MET B 36 -13.90 -18.46 -8.80
C MET B 36 -12.80 -19.42 -8.33
N ALA B 37 -12.10 -19.05 -7.25
CA ALA B 37 -11.03 -19.87 -6.62
C ALA B 37 -11.14 -19.72 -5.10
N GLY B 38 -10.77 -20.76 -4.34
CA GLY B 38 -10.86 -20.77 -2.87
C GLY B 38 -9.91 -21.77 -2.21
N ASN B 39 -9.74 -21.67 -0.90
CA ASN B 39 -8.68 -22.40 -0.15
C ASN B 39 -9.21 -23.77 0.34
N GLY B 40 -10.49 -24.08 0.13
CA GLY B 40 -11.08 -25.42 0.41
C GLY B 40 -11.04 -26.35 -0.79
N ASP B 41 -10.99 -27.67 -0.53
CA ASP B 41 -11.01 -28.71 -1.60
C ASP B 41 -12.38 -28.65 -2.29
N LEU B 42 -12.42 -28.51 -3.63
CA LEU B 42 -13.68 -28.30 -4.38
C LEU B 42 -14.54 -29.57 -4.36
N ARG B 43 -14.00 -30.73 -3.94
CA ARG B 43 -14.76 -32.00 -3.75
C ARG B 43 -15.68 -31.91 -2.52
N GLU B 44 -15.38 -31.00 -1.60
CA GLU B 44 -16.04 -30.86 -0.27
C GLU B 44 -16.74 -29.50 -0.16
N ASP B 45 -16.08 -28.43 -0.60
CA ASP B 45 -16.54 -27.03 -0.42
C ASP B 45 -17.39 -26.64 -1.63
N LYS B 46 -18.70 -26.93 -1.61
CA LYS B 46 -19.58 -26.88 -2.81
C LYS B 46 -20.48 -25.64 -2.81
N ASP B 47 -20.90 -25.13 -1.66
CA ASP B 47 -21.91 -24.03 -1.60
C ASP B 47 -21.39 -22.77 -2.31
N PRO B 48 -20.16 -22.27 -2.04
CA PRO B 48 -19.68 -21.04 -2.68
C PRO B 48 -19.77 -21.03 -4.21
N TYR B 49 -19.61 -22.21 -4.83
CA TYR B 49 -19.51 -22.38 -6.31
C TYR B 49 -20.91 -22.39 -6.93
N LYS B 50 -21.97 -22.42 -6.12
CA LYS B 50 -23.38 -22.20 -6.55
C LYS B 50 -23.63 -20.72 -6.90
N MET B 51 -22.81 -19.80 -6.39
CA MET B 51 -23.03 -18.33 -6.53
C MET B 51 -22.58 -17.87 -7.93
N ARG B 52 -23.50 -17.40 -8.79
CA ARG B 52 -23.24 -17.10 -10.23
C ARG B 52 -23.45 -15.61 -10.59
N ALA B 53 -23.99 -14.78 -9.71
CA ALA B 53 -24.08 -13.31 -9.94
C ALA B 53 -24.17 -12.54 -8.61
N THR B 54 -23.83 -11.25 -8.64
CA THR B 54 -23.92 -10.34 -7.48
C THR B 54 -24.40 -8.97 -7.95
N ILE B 55 -25.32 -8.37 -7.21
CA ILE B 55 -25.76 -6.95 -7.39
C ILE B 55 -25.24 -6.13 -6.21
N TYR B 56 -24.40 -5.12 -6.51
CA TYR B 56 -23.81 -4.13 -5.57
C TYR B 56 -24.56 -2.79 -5.66
N GLU B 57 -25.47 -2.52 -4.72
CA GLU B 57 -26.33 -1.30 -4.73
C GLU B 57 -25.75 -0.25 -3.77
N LEU B 58 -25.16 0.82 -4.31
CA LEU B 58 -24.57 1.92 -3.51
C LEU B 58 -25.69 2.73 -2.85
N LYS B 59 -25.64 2.89 -1.53
CA LYS B 59 -26.63 3.63 -0.70
C LYS B 59 -26.08 5.02 -0.38
N GLU B 60 -26.95 5.93 0.03
CA GLU B 60 -26.58 7.34 0.28
C GLU B 60 -25.55 7.40 1.42
N ASP B 61 -25.59 6.43 2.35
CA ASP B 61 -24.68 6.37 3.53
C ASP B 61 -23.33 5.73 3.15
N LYS B 62 -23.06 5.52 1.86
CA LYS B 62 -21.77 5.02 1.30
C LYS B 62 -21.60 3.50 1.49
N SER B 63 -22.51 2.80 2.17
CA SER B 63 -22.49 1.31 2.22
C SER B 63 -23.04 0.75 0.91
N TYR B 64 -22.81 -0.55 0.62
CA TYR B 64 -23.53 -1.31 -0.43
C TYR B 64 -24.53 -2.29 0.20
N ASN B 65 -25.75 -2.31 -0.33
CA ASN B 65 -26.71 -3.43 -0.20
C ASN B 65 -26.34 -4.47 -1.26
N VAL B 66 -25.94 -5.67 -0.83
CA VAL B 66 -25.32 -6.70 -1.71
C VAL B 66 -26.24 -7.94 -1.82
N THR B 67 -26.76 -8.21 -3.03
CA THR B 67 -27.60 -9.40 -3.35
C THR B 67 -26.76 -10.48 -4.05
N TRP B 68 -26.75 -11.69 -3.47
CA TRP B 68 -26.04 -12.90 -3.97
C TRP B 68 -27.06 -13.87 -4.58
N VAL B 69 -26.85 -14.31 -5.82
CA VAL B 69 -27.75 -15.23 -6.58
C VAL B 69 -27.07 -16.61 -6.71
N TRP B 70 -27.65 -17.65 -6.12
CA TRP B 70 -27.20 -19.07 -6.23
C TRP B 70 -28.10 -19.80 -7.23
N PHE B 71 -27.49 -20.60 -8.11
CA PHE B 71 -28.15 -21.49 -9.09
C PHE B 71 -28.10 -22.93 -8.57
N LEU B 72 -29.26 -23.54 -8.36
CA LEU B 72 -29.48 -24.96 -7.96
C LEU B 72 -30.28 -25.64 -9.07
N PRO B 73 -30.37 -26.99 -9.08
CA PRO B 73 -31.23 -27.69 -10.05
C PRO B 73 -32.73 -27.34 -9.90
N LYS B 74 -33.28 -26.77 -10.98
CA LYS B 74 -34.67 -26.24 -11.11
C LYS B 74 -35.07 -25.45 -9.85
N LYS B 75 -34.15 -24.63 -9.34
CA LYS B 75 -34.41 -23.75 -8.17
C LYS B 75 -33.33 -22.66 -8.09
N CYS B 76 -33.71 -21.44 -7.73
CA CYS B 76 -32.80 -20.31 -7.39
C CYS B 76 -32.87 -20.12 -5.88
N LYS B 77 -31.85 -19.51 -5.30
CA LYS B 77 -32.02 -18.90 -3.96
C LYS B 77 -31.06 -17.72 -3.84
N TYR B 78 -31.36 -16.87 -2.87
CA TYR B 78 -30.93 -15.44 -2.81
C TYR B 78 -30.55 -15.11 -1.36
N PHE B 79 -29.50 -14.30 -1.17
CA PHE B 79 -28.98 -13.83 0.14
C PHE B 79 -28.68 -12.34 0.02
N ILE B 80 -28.91 -11.58 1.11
CA ILE B 80 -28.55 -10.13 1.17
C ILE B 80 -27.70 -9.89 2.43
N ASN B 81 -26.63 -9.10 2.28
CA ASN B 81 -25.81 -8.58 3.42
C ASN B 81 -25.33 -7.15 3.05
N THR B 82 -24.52 -6.53 3.91
CA THR B 82 -24.16 -5.09 3.87
C THR B 82 -22.63 -4.92 3.93
N PHE B 83 -22.02 -4.23 2.97
CA PHE B 83 -20.58 -3.88 2.94
C PHE B 83 -20.38 -2.44 3.44
N VAL B 84 -19.66 -2.28 4.56
CA VAL B 84 -19.37 -0.95 5.17
C VAL B 84 -17.95 -0.56 4.75
N PRO B 85 -17.71 0.67 4.24
CA PRO B 85 -16.37 1.06 3.80
C PRO B 85 -15.33 0.98 4.92
N GLY B 86 -14.17 0.38 4.61
CA GLY B 86 -13.03 0.14 5.52
C GLY B 86 -12.09 1.33 5.60
N SER B 87 -10.81 1.08 5.92
CA SER B 87 -9.81 2.13 6.22
C SER B 87 -9.30 2.82 4.94
N GLN B 88 -9.64 2.28 3.78
CA GLN B 88 -9.03 2.62 2.47
C GLN B 88 -10.09 2.41 1.40
N PRO B 89 -10.22 3.29 0.38
CA PRO B 89 -11.12 3.05 -0.76
C PRO B 89 -10.88 1.73 -1.51
N GLY B 90 -11.94 0.91 -1.63
CA GLY B 90 -11.90 -0.45 -2.22
C GLY B 90 -11.96 -1.57 -1.18
N GLU B 91 -11.83 -1.27 0.11
CA GLU B 91 -11.83 -2.25 1.23
C GLU B 91 -13.15 -2.12 2.03
N PHE B 92 -13.70 -3.23 2.54
CA PHE B 92 -15.02 -3.28 3.23
C PHE B 92 -15.02 -4.37 4.32
N THR B 93 -15.89 -4.18 5.32
CA THR B 93 -16.22 -5.17 6.38
C THR B 93 -17.74 -5.40 6.38
N LEU B 94 -18.19 -6.42 7.12
CA LEU B 94 -19.61 -6.84 7.18
C LEU B 94 -20.42 -5.93 8.12
N GLY B 95 -21.58 -5.47 7.62
CA GLY B 95 -22.57 -4.70 8.40
C GLY B 95 -23.51 -5.60 9.21
N LEU B 96 -24.40 -5.00 10.01
CA LEU B 96 -25.33 -5.73 10.92
C LEU B 96 -26.53 -6.27 10.15
N ILE B 97 -26.91 -5.63 9.05
CA ILE B 97 -28.15 -5.93 8.28
C ILE B 97 -27.85 -7.09 7.32
N LYS B 98 -28.50 -8.24 7.51
CA LYS B 98 -28.33 -9.43 6.64
C LYS B 98 -29.53 -10.37 6.74
N SER B 99 -29.67 -11.26 5.76
CA SER B 99 -30.79 -12.22 5.64
C SER B 99 -30.43 -13.59 6.24
N TYR B 100 -29.15 -13.86 6.58
CA TYR B 100 -28.67 -15.19 7.07
C TYR B 100 -27.85 -14.97 8.33
N PRO B 101 -28.37 -15.33 9.52
CA PRO B 101 -27.80 -14.88 10.80
C PRO B 101 -26.45 -15.52 11.18
N GLY B 102 -26.09 -16.63 10.52
CA GLY B 102 -24.87 -17.42 10.79
C GLY B 102 -23.59 -16.81 10.24
N GLN B 103 -23.66 -15.67 9.53
CA GLN B 103 -22.48 -14.97 8.93
C GLN B 103 -21.87 -14.07 10.00
N THR B 104 -20.59 -14.32 10.34
CA THR B 104 -19.84 -13.78 11.50
C THR B 104 -19.02 -12.54 11.10
N SER B 105 -17.94 -12.74 10.34
CA SER B 105 -17.01 -11.66 9.90
C SER B 105 -16.63 -11.84 8.43
N LEU B 106 -16.33 -10.73 7.77
CA LEU B 106 -15.89 -10.70 6.35
C LEU B 106 -14.94 -9.53 6.14
N LEU B 107 -13.81 -9.77 5.48
CA LEU B 107 -12.92 -8.70 4.94
C LEU B 107 -12.98 -8.78 3.42
N VAL B 108 -13.20 -7.64 2.75
CA VAL B 108 -13.35 -7.56 1.26
C VAL B 108 -12.32 -6.56 0.75
N ARG B 109 -11.61 -6.93 -0.32
CA ARG B 109 -10.64 -6.02 -1.00
C ARG B 109 -10.82 -6.17 -2.51
N VAL B 110 -11.21 -5.08 -3.18
CA VAL B 110 -11.24 -5.00 -4.68
C VAL B 110 -9.79 -4.82 -5.16
N VAL B 111 -9.21 -5.87 -5.78
CA VAL B 111 -7.79 -5.95 -6.20
C VAL B 111 -7.61 -5.19 -7.53
N SER B 112 -8.55 -5.32 -8.47
CA SER B 112 -8.47 -4.72 -9.84
C SER B 112 -9.88 -4.58 -10.43
N THR B 113 -10.18 -3.42 -11.03
CA THR B 113 -11.42 -3.20 -11.83
C THR B 113 -11.25 -2.01 -12.78
N ASN B 114 -11.90 -2.07 -13.95
CA ASN B 114 -12.06 -0.91 -14.88
C ASN B 114 -13.54 -0.56 -15.04
N TYR B 115 -14.41 -1.13 -14.19
CA TYR B 115 -15.82 -0.68 -13.96
C TYR B 115 -16.77 -1.12 -15.10
N ASN B 116 -16.32 -1.21 -16.35
CA ASN B 116 -17.18 -1.47 -17.54
C ASN B 116 -16.93 -2.88 -18.13
N GLN B 117 -15.95 -3.62 -17.63
CA GLN B 117 -15.50 -4.92 -18.24
C GLN B 117 -15.26 -5.95 -17.12
N HIS B 118 -14.21 -5.77 -16.31
CA HIS B 118 -13.77 -6.80 -15.33
C HIS B 118 -13.71 -6.25 -13.90
N ALA B 119 -13.83 -7.13 -12.91
CA ALA B 119 -13.50 -6.89 -11.48
C ALA B 119 -12.95 -8.16 -10.84
N MET B 120 -11.88 -8.04 -10.05
CA MET B 120 -11.32 -9.19 -9.29
C MET B 120 -11.35 -8.80 -7.81
N VAL B 121 -12.02 -9.63 -6.99
CA VAL B 121 -12.36 -9.29 -5.57
C VAL B 121 -11.86 -10.43 -4.66
N PHE B 122 -11.11 -10.06 -3.61
CA PHE B 122 -10.62 -10.95 -2.52
C PHE B 122 -11.58 -10.91 -1.34
N PHE B 123 -11.95 -12.09 -0.82
CA PHE B 123 -12.85 -12.28 0.34
C PHE B 123 -12.19 -13.17 1.38
N LYS B 124 -12.25 -12.78 2.67
CA LYS B 124 -11.72 -13.62 3.77
C LYS B 124 -12.69 -13.61 4.95
N THR B 125 -13.03 -14.81 5.45
CA THR B 125 -13.96 -15.01 6.60
C THR B 125 -13.32 -15.99 7.58
N VAL B 126 -13.76 -15.96 8.84
CA VAL B 126 -13.34 -16.93 9.90
C VAL B 126 -14.55 -17.79 10.23
N ILE B 127 -14.42 -19.11 10.02
CA ILE B 127 -15.44 -20.16 10.33
C ILE B 127 -14.80 -21.20 11.25
N GLN B 128 -15.43 -21.45 12.40
CA GLN B 128 -14.91 -22.42 13.41
C GLN B 128 -13.44 -22.12 13.69
N ASN B 129 -13.11 -20.84 13.92
CA ASN B 129 -11.78 -20.35 14.38
C ASN B 129 -10.70 -20.43 13.27
N ARG B 130 -11.06 -20.71 12.02
CA ARG B 130 -10.04 -20.84 10.95
C ARG B 130 -10.44 -20.02 9.71
N GLU B 131 -9.44 -19.48 9.02
CA GLU B 131 -9.60 -18.48 7.92
C GLU B 131 -9.94 -19.22 6.63
N ARG B 132 -11.05 -18.83 5.99
CA ARG B 132 -11.44 -19.25 4.62
C ARG B 132 -11.25 -18.05 3.69
N PHE B 133 -10.76 -18.25 2.46
CA PHE B 133 -10.59 -17.12 1.50
C PHE B 133 -10.91 -17.56 0.07
N TYR B 134 -11.47 -16.62 -0.71
CA TYR B 134 -11.96 -16.77 -2.10
C TYR B 134 -11.47 -15.57 -2.93
N ILE B 135 -11.30 -15.79 -4.23
CA ILE B 135 -11.04 -14.74 -5.26
C ILE B 135 -12.09 -14.95 -6.34
N THR B 136 -12.92 -13.94 -6.64
CA THR B 136 -13.93 -13.98 -7.72
C THR B 136 -13.46 -13.07 -8.86
N LEU B 137 -13.52 -13.58 -10.09
CA LEU B 137 -13.34 -12.80 -11.34
C LEU B 137 -14.73 -12.54 -11.95
N TYR B 138 -15.16 -11.29 -11.96
CA TYR B 138 -16.49 -10.84 -12.47
C TYR B 138 -16.36 -10.19 -13.86
N GLY B 139 -17.44 -10.27 -14.65
CA GLY B 139 -17.62 -9.55 -15.93
C GLY B 139 -18.91 -8.74 -15.92
N ARG B 140 -18.97 -7.63 -16.66
CA ARG B 140 -20.25 -6.89 -16.88
C ARG B 140 -21.12 -7.69 -17.87
N THR B 141 -20.49 -8.52 -18.70
CA THR B 141 -21.13 -9.56 -19.55
C THR B 141 -20.75 -10.95 -18.98
N LYS B 142 -21.18 -12.02 -19.65
CA LYS B 142 -20.97 -13.41 -19.16
C LYS B 142 -19.59 -13.93 -19.60
N GLU B 143 -18.79 -13.15 -20.35
CA GLU B 143 -17.49 -13.60 -20.93
C GLU B 143 -16.40 -12.55 -20.70
N LEU B 144 -15.14 -12.99 -20.62
CA LEU B 144 -13.94 -12.12 -20.58
C LEU B 144 -12.90 -12.62 -21.60
N THR B 145 -11.84 -11.84 -21.83
CA THR B 145 -10.72 -12.17 -22.75
C THR B 145 -9.81 -13.22 -22.09
N SER B 146 -9.09 -14.00 -22.91
CA SER B 146 -8.06 -14.98 -22.45
C SER B 146 -7.06 -14.29 -21.52
N GLU B 147 -6.61 -13.06 -21.87
CA GLU B 147 -5.57 -12.29 -21.12
C GLU B 147 -6.04 -12.06 -19.67
N LEU B 148 -7.28 -11.56 -19.50
CA LEU B 148 -7.83 -11.19 -18.16
C LEU B 148 -8.02 -12.46 -17.30
N LYS B 149 -8.41 -13.60 -17.88
CA LYS B 149 -8.60 -14.88 -17.15
C LYS B 149 -7.24 -15.45 -16.73
N GLU B 150 -6.23 -15.31 -17.60
CA GLU B 150 -4.83 -15.74 -17.35
C GLU B 150 -4.23 -14.91 -16.20
N ASN B 151 -4.53 -13.61 -16.14
CA ASN B 151 -4.11 -12.67 -15.06
C ASN B 151 -4.66 -13.18 -13.71
N PHE B 152 -5.91 -13.66 -13.68
CA PHE B 152 -6.63 -14.13 -12.46
C PHE B 152 -6.02 -15.46 -11.97
N ILE B 153 -5.69 -16.35 -12.90
CA ILE B 153 -4.98 -17.64 -12.60
C ILE B 153 -3.63 -17.31 -11.95
N ARG B 154 -2.86 -16.36 -12.51
CA ARG B 154 -1.53 -15.95 -11.98
C ARG B 154 -1.67 -15.40 -10.54
N PHE B 155 -2.65 -14.54 -10.27
CA PHE B 155 -2.85 -13.94 -8.92
C PHE B 155 -3.26 -15.04 -7.94
N SER B 156 -4.19 -15.91 -8.33
CA SER B 156 -4.68 -17.04 -7.48
C SER B 156 -3.49 -17.91 -7.05
N LYS B 157 -2.64 -18.27 -8.01
CA LYS B 157 -1.41 -19.09 -7.80
C LYS B 157 -0.40 -18.36 -6.90
N SER B 158 -0.30 -17.01 -6.98
CA SER B 158 0.61 -16.18 -6.13
C SER B 158 0.20 -16.22 -4.67
N LEU B 159 -1.06 -16.57 -4.36
CA LEU B 159 -1.60 -16.70 -2.98
C LEU B 159 -1.58 -18.16 -2.50
N GLY B 160 -1.06 -19.09 -3.32
CA GLY B 160 -0.79 -20.49 -2.97
C GLY B 160 -1.89 -21.47 -3.38
N LEU B 161 -2.87 -21.06 -4.21
CA LEU B 161 -3.94 -21.95 -4.71
C LEU B 161 -3.44 -22.75 -5.92
N PRO B 162 -3.56 -24.11 -5.92
CA PRO B 162 -3.19 -24.90 -7.09
C PRO B 162 -4.27 -24.84 -8.18
N GLU B 163 -3.96 -25.37 -9.37
CA GLU B 163 -4.84 -25.27 -10.57
C GLU B 163 -6.22 -25.86 -10.26
N ASN B 164 -6.29 -26.96 -9.49
CA ASN B 164 -7.57 -27.68 -9.22
C ASN B 164 -8.39 -26.99 -8.11
N HIS B 165 -8.00 -25.79 -7.66
CA HIS B 165 -8.83 -24.90 -6.78
C HIS B 165 -9.37 -23.70 -7.58
N ILE B 166 -9.25 -23.71 -8.91
CA ILE B 166 -9.66 -22.59 -9.82
C ILE B 166 -10.59 -23.13 -10.90
N VAL B 167 -11.78 -22.53 -11.05
CA VAL B 167 -12.84 -22.98 -12.01
C VAL B 167 -13.50 -21.78 -12.68
N PHE B 168 -13.89 -21.98 -13.94
CA PHE B 168 -14.61 -21.02 -14.81
C PHE B 168 -15.96 -21.65 -15.17
N PRO B 169 -17.05 -21.37 -14.43
CA PRO B 169 -18.34 -22.03 -14.67
C PRO B 169 -18.92 -21.73 -16.07
N VAL B 170 -19.68 -22.67 -16.64
CA VAL B 170 -20.42 -22.44 -17.91
C VAL B 170 -21.47 -21.36 -17.67
N PRO B 171 -21.52 -20.27 -18.47
CA PRO B 171 -22.55 -19.25 -18.31
C PRO B 171 -23.97 -19.85 -18.38
N ILE B 172 -24.94 -19.23 -17.69
CA ILE B 172 -26.33 -19.76 -17.55
C ILE B 172 -27.35 -18.63 -17.80
N ASP B 173 -28.63 -18.99 -17.97
CA ASP B 173 -29.76 -18.04 -18.16
C ASP B 173 -30.63 -17.99 -16.89
N GLN B 174 -30.77 -19.10 -16.18
CA GLN B 174 -31.69 -19.24 -15.01
C GLN B 174 -31.15 -18.36 -13.86
N CYS B 175 -32.05 -17.74 -13.09
CA CYS B 175 -31.80 -17.09 -11.78
C CYS B 175 -31.15 -15.70 -11.93
N ILE B 176 -30.10 -15.58 -12.75
CA ILE B 176 -29.14 -14.42 -12.78
C ILE B 176 -29.64 -13.32 -13.74
N ASP B 177 -30.53 -13.65 -14.69
CA ASP B 177 -31.18 -12.64 -15.58
C ASP B 177 -32.38 -12.07 -14.81
N GLY B 178 -32.55 -10.74 -14.84
CA GLY B 178 -33.64 -10.03 -14.14
C GLY B 178 -33.37 -8.54 -14.06
N SER B 179 -34.31 -7.72 -14.53
CA SER B 179 -34.24 -6.24 -14.58
C SER B 179 -35.08 -5.62 -13.47
N SER C 3 33.00 -5.68 9.55
CA SER C 3 32.16 -6.24 8.44
C SER C 3 32.22 -7.77 8.50
N THR C 4 31.43 -8.37 9.39
CA THR C 4 31.46 -9.81 9.75
C THR C 4 30.14 -10.49 9.34
N SER C 5 29.35 -9.80 8.54
CA SER C 5 28.17 -10.34 7.83
C SER C 5 28.56 -10.60 6.37
N ASP C 6 27.87 -11.52 5.70
CA ASP C 6 27.94 -11.67 4.22
C ASP C 6 26.79 -10.90 3.58
N LEU C 7 25.59 -10.87 4.19
CA LEU C 7 24.37 -10.28 3.57
C LEU C 7 23.53 -9.53 4.61
N ILE C 8 23.14 -8.30 4.30
CA ILE C 8 22.09 -7.57 5.08
C ILE C 8 20.74 -8.25 4.84
N PRO C 9 19.97 -8.60 5.90
CA PRO C 9 18.68 -9.24 5.72
C PRO C 9 17.74 -8.44 4.81
N ALA C 10 16.96 -9.14 3.98
CA ALA C 10 15.94 -8.54 3.08
C ALA C 10 14.83 -7.90 3.89
N PRO C 11 14.35 -6.69 3.48
CA PRO C 11 13.31 -5.97 4.21
C PRO C 11 11.95 -6.64 4.04
N PRO C 12 10.99 -6.42 4.96
CA PRO C 12 9.59 -6.80 4.71
C PRO C 12 9.07 -5.93 3.55
N LEU C 13 8.35 -6.54 2.61
CA LEU C 13 7.93 -5.89 1.34
C LEU C 13 6.96 -4.74 1.66
N SER C 14 6.40 -4.68 2.88
CA SER C 14 5.57 -3.57 3.38
C SER C 14 6.39 -2.27 3.48
N LYS C 15 7.73 -2.36 3.50
CA LYS C 15 8.67 -1.21 3.61
C LYS C 15 9.10 -0.76 2.20
N VAL C 16 8.62 -1.40 1.13
CA VAL C 16 8.98 -1.07 -0.27
C VAL C 16 7.73 -0.55 -0.97
N PRO C 17 7.51 0.78 -1.03
CA PRO C 17 6.30 1.32 -1.66
C PRO C 17 6.34 1.14 -3.18
N LEU C 18 5.19 1.28 -3.85
CA LEU C 18 5.11 1.34 -5.33
C LEU C 18 4.67 2.74 -5.78
N GLN C 19 5.34 3.26 -6.82
CA GLN C 19 4.93 4.47 -7.56
C GLN C 19 3.44 4.36 -7.90
N GLN C 20 2.64 5.30 -7.41
CA GLN C 20 1.19 5.34 -7.69
C GLN C 20 0.93 5.65 -9.18
N ASN C 21 -0.14 5.10 -9.74
CA ASN C 21 -0.63 5.42 -11.11
C ASN C 21 0.45 5.09 -12.15
N PHE C 22 1.19 3.98 -11.98
CA PHE C 22 2.31 3.58 -12.88
C PHE C 22 1.80 3.51 -14.32
N GLN C 23 2.50 4.21 -15.23
CA GLN C 23 2.24 4.29 -16.71
C GLN C 23 3.33 3.52 -17.47
N ASP C 24 3.04 2.27 -17.84
CA ASP C 24 3.97 1.34 -18.53
C ASP C 24 4.56 2.01 -19.80
N ASN C 25 3.76 2.73 -20.58
CA ASN C 25 4.18 3.33 -21.88
C ASN C 25 5.19 4.48 -21.65
N GLN C 26 5.11 5.21 -20.54
CA GLN C 26 5.96 6.38 -20.21
C GLN C 26 7.30 5.95 -19.59
N PHE C 27 7.40 4.71 -19.07
CA PHE C 27 8.64 4.14 -18.47
C PHE C 27 9.53 3.48 -19.55
N HIS C 28 8.94 3.11 -20.70
CA HIS C 28 9.62 2.59 -21.92
C HIS C 28 10.88 3.39 -22.27
N GLY C 29 11.96 2.71 -22.70
CA GLY C 29 13.13 3.31 -23.35
C GLY C 29 14.39 3.23 -22.51
N LYS C 30 15.36 4.10 -22.78
CA LYS C 30 16.75 4.02 -22.22
C LYS C 30 16.85 4.77 -20.88
N TRP C 31 17.52 4.15 -19.92
CA TRP C 31 17.84 4.72 -18.59
C TRP C 31 19.33 4.49 -18.27
N TYR C 32 20.02 5.49 -17.75
CA TYR C 32 21.44 5.45 -17.30
C TYR C 32 21.51 5.22 -15.78
N VAL C 33 22.47 4.42 -15.31
CA VAL C 33 22.68 4.21 -13.84
C VAL C 33 23.40 5.46 -13.30
N VAL C 34 22.79 6.12 -12.31
CA VAL C 34 23.37 7.26 -11.56
C VAL C 34 23.81 6.79 -10.17
N GLY C 35 23.07 5.84 -9.56
CA GLY C 35 23.34 5.29 -8.21
C GLY C 35 22.98 3.81 -8.12
N MET C 36 23.74 3.04 -7.34
CA MET C 36 23.45 1.60 -7.05
C MET C 36 23.80 1.26 -5.59
N ALA C 37 22.97 0.44 -4.95
CA ALA C 37 23.14 -0.05 -3.56
C ALA C 37 22.65 -1.50 -3.48
N GLY C 38 23.27 -2.31 -2.64
CA GLY C 38 22.97 -3.76 -2.51
C GLY C 38 23.36 -4.34 -1.17
N ASN C 39 22.89 -5.55 -0.87
CA ASN C 39 23.01 -6.16 0.48
C ASN C 39 24.31 -6.96 0.62
N GLY C 40 25.10 -7.10 -0.47
CA GLY C 40 26.44 -7.73 -0.45
C GLY C 40 27.56 -6.73 -0.20
N ASP C 41 28.67 -7.18 0.42
CA ASP C 41 29.92 -6.40 0.61
C ASP C 41 30.47 -6.02 -0.78
N LEU C 42 30.71 -4.74 -1.04
CA LEU C 42 31.11 -4.25 -2.40
C LEU C 42 32.54 -4.71 -2.75
N ARG C 43 33.33 -5.18 -1.77
CA ARG C 43 34.68 -5.73 -2.04
C ARG C 43 34.59 -7.13 -2.65
N GLU C 44 33.44 -7.80 -2.53
CA GLU C 44 33.23 -9.22 -2.93
C GLU C 44 32.17 -9.33 -4.03
N ASP C 45 31.07 -8.58 -3.91
CA ASP C 45 29.91 -8.62 -4.86
C ASP C 45 30.18 -7.60 -5.98
N LYS C 46 30.89 -8.01 -7.04
CA LYS C 46 31.49 -7.07 -8.04
C LYS C 46 30.67 -6.98 -9.33
N ASP C 47 30.03 -8.07 -9.76
CA ASP C 47 29.40 -8.16 -11.10
C ASP C 47 28.25 -7.15 -11.20
N PRO C 48 27.30 -7.03 -10.24
CA PRO C 48 26.18 -6.09 -10.34
C PRO C 48 26.59 -4.65 -10.63
N TYR C 49 27.75 -4.23 -10.13
CA TYR C 49 28.25 -2.82 -10.20
C TYR C 49 28.88 -2.54 -11.57
N LYS C 50 29.06 -3.57 -12.40
CA LYS C 50 29.47 -3.42 -13.83
C LYS C 50 28.30 -2.89 -14.68
N MET C 51 27.05 -3.04 -14.21
CA MET C 51 25.83 -2.70 -15.01
C MET C 51 25.61 -1.18 -14.99
N ARG C 52 25.71 -0.50 -16.14
CA ARG C 52 25.71 0.99 -16.26
C ARG C 52 24.55 1.54 -17.10
N ALA C 53 23.72 0.71 -17.74
CA ALA C 53 22.51 1.18 -18.47
C ALA C 53 21.50 0.05 -18.65
N THR C 54 20.24 0.39 -18.91
CA THR C 54 19.14 -0.58 -19.15
C THR C 54 18.19 0.00 -20.20
N ILE C 55 17.76 -0.82 -21.15
CA ILE C 55 16.66 -0.49 -22.11
C ILE C 55 15.43 -1.36 -21.78
N TYR C 56 14.31 -0.70 -21.43
CA TYR C 56 12.99 -1.30 -21.13
C TYR C 56 12.05 -1.14 -22.36
N GLU C 57 11.86 -2.23 -23.12
CA GLU C 57 11.04 -2.20 -24.38
C GLU C 57 9.66 -2.79 -24.08
N LEU C 58 8.62 -1.94 -24.02
CA LEU C 58 7.21 -2.38 -23.80
C LEU C 58 6.72 -3.12 -25.05
N LYS C 59 6.22 -4.35 -24.86
CA LYS C 59 5.73 -5.23 -25.96
C LYS C 59 4.20 -5.18 -26.00
N GLU C 60 3.63 -5.65 -27.10
CA GLU C 60 2.16 -5.76 -27.29
C GLU C 60 1.56 -6.63 -26.18
N ASP C 61 2.32 -7.61 -25.70
CA ASP C 61 2.11 -8.59 -24.60
C ASP C 61 1.87 -7.93 -23.23
N LYS C 62 2.21 -6.64 -23.10
CA LYS C 62 2.25 -5.86 -21.83
C LYS C 62 3.51 -6.21 -21.00
N SER C 63 4.33 -7.18 -21.44
CA SER C 63 5.63 -7.49 -20.82
C SER C 63 6.65 -6.45 -21.29
N TYR C 64 7.82 -6.35 -20.63
CA TYR C 64 9.02 -5.66 -21.16
C TYR C 64 10.09 -6.67 -21.59
N ASN C 65 10.67 -6.45 -22.76
CA ASN C 65 11.98 -6.98 -23.19
C ASN C 65 13.06 -6.06 -22.62
N VAL C 66 13.92 -6.58 -21.74
CA VAL C 66 14.86 -5.76 -20.93
C VAL C 66 16.31 -6.11 -21.31
N THR C 67 17.05 -5.12 -21.85
CA THR C 67 18.48 -5.21 -22.20
C THR C 67 19.36 -4.54 -21.14
N TRP C 68 20.30 -5.29 -20.57
CA TRP C 68 21.27 -4.86 -19.53
C TRP C 68 22.67 -4.70 -20.17
N VAL C 69 23.31 -3.54 -19.98
CA VAL C 69 24.65 -3.19 -20.52
C VAL C 69 25.68 -3.17 -19.37
N TRP C 70 26.68 -4.05 -19.42
CA TRP C 70 27.86 -4.07 -18.49
C TRP C 70 29.07 -3.42 -19.18
N PHE C 71 29.80 -2.59 -18.43
CA PHE C 71 31.07 -1.94 -18.86
C PHE C 71 32.24 -2.66 -18.19
N LEU C 72 33.14 -3.22 -18.99
CA LEU C 72 34.45 -3.78 -18.56
C LEU C 72 35.56 -2.94 -19.19
N PRO C 73 36.80 -2.95 -18.64
CA PRO C 73 37.84 -2.03 -19.11
C PRO C 73 38.33 -2.25 -20.55
N LYS C 74 38.10 -3.43 -21.15
CA LYS C 74 38.48 -3.69 -22.57
C LYS C 74 37.37 -4.48 -23.28
N LYS C 75 36.12 -4.35 -22.85
CA LYS C 75 34.95 -4.94 -23.56
C LYS C 75 33.64 -4.44 -22.96
N CYS C 76 32.56 -4.63 -23.72
CA CYS C 76 31.16 -4.54 -23.26
C CYS C 76 30.63 -5.97 -23.11
N LYS C 77 29.65 -6.18 -22.23
CA LYS C 77 28.83 -7.42 -22.18
C LYS C 77 27.36 -7.01 -22.10
N TYR C 78 26.46 -7.87 -22.60
CA TYR C 78 25.00 -7.58 -22.75
C TYR C 78 24.21 -8.81 -22.31
N PHE C 79 23.07 -8.59 -21.64
CA PHE C 79 22.12 -9.65 -21.18
C PHE C 79 20.69 -9.20 -21.54
N ILE C 80 19.81 -10.14 -21.87
CA ILE C 80 18.35 -9.87 -22.11
C ILE C 80 17.52 -10.84 -21.26
N ASN C 81 16.47 -10.32 -20.60
CA ASN C 81 15.44 -11.12 -19.87
C ASN C 81 14.08 -10.41 -20.02
N THR C 82 13.02 -10.94 -19.40
CA THR C 82 11.60 -10.55 -19.64
C THR C 82 10.91 -10.25 -18.31
N PHE C 83 10.29 -9.06 -18.16
CA PHE C 83 9.47 -8.65 -16.99
C PHE C 83 7.98 -8.87 -17.29
N VAL C 84 7.33 -9.75 -16.55
CA VAL C 84 5.86 -10.07 -16.67
C VAL C 84 5.13 -9.23 -15.62
N PRO C 85 4.06 -8.48 -15.97
CA PRO C 85 3.35 -7.66 -15.00
C PRO C 85 2.80 -8.49 -13.82
N GLY C 86 3.05 -8.03 -12.60
CA GLY C 86 2.62 -8.65 -11.34
C GLY C 86 1.23 -8.21 -10.89
N SER C 87 0.98 -8.27 -9.59
CA SER C 87 -0.37 -8.19 -8.97
C SER C 87 -0.91 -6.75 -8.97
N GLN C 88 -0.04 -5.77 -9.25
CA GLN C 88 -0.45 -4.35 -9.34
C GLN C 88 0.53 -3.61 -10.23
N PRO C 89 0.08 -2.49 -10.86
CA PRO C 89 0.93 -1.64 -11.70
C PRO C 89 2.22 -1.15 -11.03
N GLY C 90 3.36 -1.44 -11.68
CA GLY C 90 4.72 -1.11 -11.19
C GLY C 90 5.49 -2.32 -10.68
N GLU C 91 4.83 -3.47 -10.49
CA GLU C 91 5.43 -4.73 -9.94
C GLU C 91 5.59 -5.75 -11.07
N PHE C 92 6.68 -6.54 -11.08
CA PHE C 92 6.99 -7.53 -12.15
C PHE C 92 7.71 -8.75 -11.56
N THR C 93 7.56 -9.88 -12.24
CA THR C 93 8.29 -11.15 -12.01
C THR C 93 9.02 -11.56 -13.30
N LEU C 94 9.90 -12.57 -13.22
CA LEU C 94 10.78 -12.99 -14.34
C LEU C 94 10.02 -13.91 -15.29
N GLY C 95 10.12 -13.63 -16.61
CA GLY C 95 9.56 -14.45 -17.70
C GLY C 95 10.45 -15.62 -18.08
N LEU C 96 9.99 -16.48 -18.99
CA LEU C 96 10.69 -17.71 -19.44
C LEU C 96 11.84 -17.36 -20.41
N ILE C 97 11.69 -16.29 -21.19
CA ILE C 97 12.62 -15.89 -22.28
C ILE C 97 13.80 -15.10 -21.67
N LYS C 98 15.01 -15.64 -21.76
CA LYS C 98 16.24 -14.96 -21.30
C LYS C 98 17.48 -15.48 -22.02
N SER C 99 18.58 -14.73 -21.96
CA SER C 99 19.87 -15.04 -22.61
C SER C 99 20.83 -15.72 -21.63
N TYR C 100 20.51 -15.76 -20.32
CA TYR C 100 21.36 -16.37 -19.26
C TYR C 100 20.55 -17.42 -18.50
N PRO C 101 20.87 -18.72 -18.68
CA PRO C 101 20.13 -19.80 -18.02
C PRO C 101 20.38 -19.90 -16.49
N GLY C 102 21.45 -19.27 -16.01
CA GLY C 102 21.81 -19.16 -14.59
C GLY C 102 21.17 -17.92 -13.99
N GLN C 103 19.84 -17.86 -13.96
CA GLN C 103 19.03 -16.92 -13.15
C GLN C 103 17.58 -17.40 -13.12
N THR C 104 17.04 -17.76 -11.95
CA THR C 104 15.78 -18.57 -11.85
C THR C 104 14.56 -17.74 -11.43
N SER C 105 14.72 -16.50 -10.96
CA SER C 105 13.66 -15.74 -10.27
C SER C 105 14.07 -14.30 -10.04
N LEU C 106 13.08 -13.44 -9.82
CA LEU C 106 13.25 -11.99 -9.61
C LEU C 106 11.90 -11.38 -9.21
N LEU C 107 11.88 -10.53 -8.19
CA LEU C 107 10.74 -9.62 -7.91
C LEU C 107 11.23 -8.19 -8.15
N VAL C 108 10.41 -7.38 -8.84
CA VAL C 108 10.74 -5.99 -9.23
C VAL C 108 9.62 -5.09 -8.73
N ARG C 109 9.99 -3.98 -8.07
CA ARG C 109 9.03 -2.92 -7.69
C ARG C 109 9.62 -1.55 -8.05
N VAL C 110 8.91 -0.81 -8.91
CA VAL C 110 9.23 0.62 -9.22
C VAL C 110 8.73 1.47 -8.03
N VAL C 111 9.65 2.01 -7.22
CA VAL C 111 9.36 2.73 -5.95
C VAL C 111 8.95 4.18 -6.26
N SER C 112 9.64 4.85 -7.19
CA SER C 112 9.38 6.27 -7.56
C SER C 112 9.88 6.55 -9.00
N THR C 113 9.08 7.26 -9.80
CA THR C 113 9.52 7.76 -11.15
C THR C 113 8.61 8.92 -11.60
N ASN C 114 9.18 9.87 -12.37
CA ASN C 114 8.39 10.91 -13.10
C ASN C 114 8.61 10.78 -14.61
N TYR C 115 9.21 9.66 -15.06
CA TYR C 115 9.23 9.19 -16.47
C TYR C 115 10.23 9.95 -17.36
N ASN C 116 10.48 11.25 -17.10
N ASN C 116 10.48 11.24 -17.08
CA ASN C 116 11.28 12.13 -17.99
CA ASN C 116 11.26 12.14 -17.98
C ASN C 116 12.63 12.53 -17.33
C ASN C 116 12.54 12.65 -17.28
N GLN C 117 12.86 12.16 -16.08
CA GLN C 117 14.04 12.61 -15.27
C GLN C 117 14.61 11.43 -14.48
N HIS C 118 13.90 10.93 -13.46
CA HIS C 118 14.44 9.91 -12.51
C HIS C 118 13.55 8.66 -12.43
N ALA C 119 14.15 7.53 -12.03
CA ALA C 119 13.45 6.29 -11.60
C ALA C 119 14.26 5.59 -10.49
N MET C 120 13.59 5.12 -9.44
CA MET C 120 14.23 4.29 -8.38
C MET C 120 13.54 2.92 -8.36
N VAL C 121 14.30 1.85 -8.50
CA VAL C 121 13.77 0.46 -8.74
C VAL C 121 14.39 -0.50 -7.72
N PHE C 122 13.53 -1.26 -7.00
CA PHE C 122 13.89 -2.34 -6.03
C PHE C 122 13.89 -3.69 -6.76
N PHE C 123 14.96 -4.47 -6.55
CA PHE C 123 15.13 -5.83 -7.13
C PHE C 123 15.45 -6.84 -6.03
N LYS C 124 14.79 -8.00 -6.02
CA LYS C 124 15.09 -9.08 -5.04
C LYS C 124 15.09 -10.44 -5.74
N THR C 125 16.16 -11.22 -5.53
CA THR C 125 16.33 -12.57 -6.11
C THR C 125 16.75 -13.54 -5.00
N VAL C 126 16.52 -14.84 -5.20
CA VAL C 126 17.01 -15.92 -4.29
C VAL C 126 18.12 -16.69 -5.02
N ILE C 127 19.32 -16.69 -4.43
CA ILE C 127 20.53 -17.43 -4.92
C ILE C 127 21.01 -18.34 -3.79
N GLN C 128 21.13 -19.65 -4.08
CA GLN C 128 21.62 -20.65 -3.09
C GLN C 128 20.83 -20.49 -1.79
N ASN C 129 19.50 -20.40 -1.91
CA ASN C 129 18.51 -20.41 -0.79
C ASN C 129 18.52 -19.12 0.03
N ARG C 130 19.21 -18.05 -0.41
CA ARG C 130 19.25 -16.79 0.38
C ARG C 130 18.96 -15.58 -0.51
N GLU C 131 18.28 -14.59 0.06
CA GLU C 131 17.72 -13.42 -0.66
C GLU C 131 18.84 -12.39 -0.89
N ARG C 132 19.02 -11.98 -2.15
CA ARG C 132 19.90 -10.84 -2.53
C ARG C 132 18.98 -9.70 -2.97
N PHE C 133 19.31 -8.44 -2.64
CA PHE C 133 18.46 -7.28 -3.05
C PHE C 133 19.32 -6.07 -3.38
N TYR C 134 18.85 -5.27 -4.35
CA TYR C 134 19.52 -4.08 -4.92
C TYR C 134 18.50 -2.94 -5.08
N ILE C 135 18.97 -1.70 -5.02
CA ILE C 135 18.18 -0.49 -5.37
C ILE C 135 19.00 0.29 -6.41
N THR C 136 18.41 0.58 -7.57
CA THR C 136 19.07 1.35 -8.66
C THR C 136 18.37 2.71 -8.78
N LEU C 137 19.16 3.79 -8.80
CA LEU C 137 18.71 5.15 -9.17
C LEU C 137 19.11 5.43 -10.62
N TYR C 138 18.13 5.56 -11.51
CA TYR C 138 18.30 5.83 -12.96
C TYR C 138 18.01 7.29 -13.31
N GLY C 139 18.67 7.79 -14.38
CA GLY C 139 18.39 9.10 -15.01
C GLY C 139 18.10 8.94 -16.50
N ARG C 140 17.31 9.82 -17.09
CA ARG C 140 17.12 9.85 -18.58
C ARG C 140 18.38 10.47 -19.22
N THR C 141 19.11 11.29 -18.46
CA THR C 141 20.50 11.74 -18.79
C THR C 141 21.49 11.09 -17.82
N LYS C 142 22.78 11.43 -17.92
CA LYS C 142 23.86 10.79 -17.12
C LYS C 142 24.00 11.49 -15.76
N GLU C 143 23.22 12.55 -15.48
CA GLU C 143 23.28 13.29 -14.18
C GLU C 143 21.88 13.45 -13.57
N LEU C 144 21.84 13.54 -12.24
CA LEU C 144 20.64 13.95 -11.45
C LEU C 144 21.05 15.06 -10.47
N THR C 145 20.04 15.69 -9.85
CA THR C 145 20.21 16.76 -8.82
C THR C 145 20.67 16.14 -7.49
N SER C 146 21.35 16.93 -6.67
CA SER C 146 21.76 16.61 -5.26
C SER C 146 20.56 16.03 -4.48
N GLU C 147 19.38 16.67 -4.61
CA GLU C 147 18.16 16.32 -3.84
C GLU C 147 17.73 14.89 -4.15
N LEU C 148 17.66 14.53 -5.43
CA LEU C 148 17.17 13.18 -5.87
C LEU C 148 18.17 12.09 -5.43
N LYS C 149 19.48 12.37 -5.44
CA LYS C 149 20.52 11.41 -4.99
C LYS C 149 20.45 11.22 -3.47
N GLU C 150 20.20 12.30 -2.73
CA GLU C 150 20.03 12.31 -1.25
C GLU C 150 18.78 11.51 -0.87
N ASN C 151 17.69 11.61 -1.65
CA ASN C 151 16.42 10.87 -1.45
C ASN C 151 16.72 9.35 -1.53
N PHE C 152 17.57 8.95 -2.48
CA PHE C 152 17.93 7.52 -2.75
C PHE C 152 18.80 6.97 -1.61
N ILE C 153 19.74 7.77 -1.11
CA ILE C 153 20.59 7.43 0.07
C ILE C 153 19.67 7.19 1.28
N ARG C 154 18.68 8.07 1.51
CA ARG C 154 17.74 7.96 2.67
C ARG C 154 16.93 6.66 2.56
N PHE C 155 16.38 6.33 1.39
CA PHE C 155 15.57 5.10 1.19
C PHE C 155 16.47 3.87 1.38
N SER C 156 17.67 3.86 0.79
CA SER C 156 18.65 2.73 0.91
C SER C 156 18.94 2.45 2.40
N LYS C 157 19.22 3.50 3.17
CA LYS C 157 19.49 3.44 4.63
C LYS C 157 18.25 2.93 5.41
N SER C 158 17.02 3.28 4.98
CA SER C 158 15.75 2.83 5.62
C SER C 158 15.53 1.32 5.47
N LEU C 159 16.19 0.68 4.49
CA LEU C 159 16.15 -0.79 4.23
C LEU C 159 17.34 -1.50 4.91
N GLY C 160 18.21 -0.76 5.59
CA GLY C 160 19.28 -1.29 6.46
C GLY C 160 20.66 -1.32 5.82
N LEU C 161 20.85 -0.69 4.65
CA LEU C 161 22.16 -0.62 3.95
C LEU C 161 23.01 0.52 4.55
N PRO C 162 24.27 0.25 4.97
CA PRO C 162 25.15 1.32 5.42
C PRO C 162 25.73 2.14 4.26
N GLU C 163 26.39 3.27 4.58
CA GLU C 163 26.91 4.24 3.57
C GLU C 163 27.83 3.53 2.57
N ASN C 164 28.67 2.59 3.04
CA ASN C 164 29.71 1.92 2.21
C ASN C 164 29.09 0.80 1.33
N HIS C 165 27.76 0.66 1.30
CA HIS C 165 27.02 -0.23 0.35
C HIS C 165 26.31 0.62 -0.74
N ILE C 166 26.61 1.92 -0.82
CA ILE C 166 25.95 2.89 -1.75
C ILE C 166 27.02 3.61 -2.56
N VAL C 167 26.94 3.56 -3.91
CA VAL C 167 27.97 4.14 -4.83
C VAL C 167 27.29 4.81 -6.03
N PHE C 168 27.91 5.89 -6.52
CA PHE C 168 27.49 6.72 -7.66
C PHE C 168 28.59 6.68 -8.73
N PRO C 169 28.51 5.75 -9.71
CA PRO C 169 29.62 5.55 -10.65
C PRO C 169 29.89 6.77 -11.54
N VAL C 170 31.15 6.96 -11.96
CA VAL C 170 31.54 8.06 -12.90
C VAL C 170 30.86 7.77 -14.23
N PRO C 171 30.10 8.74 -14.82
CA PRO C 171 29.51 8.54 -16.16
C PRO C 171 30.57 8.17 -17.20
N ILE C 172 30.18 7.39 -18.22
CA ILE C 172 31.09 6.80 -19.25
C ILE C 172 30.49 7.00 -20.65
N ASP C 173 31.30 6.77 -21.69
CA ASP C 173 30.87 6.86 -23.11
C ASP C 173 30.77 5.45 -23.73
N GLN C 174 31.66 4.53 -23.34
CA GLN C 174 31.76 3.17 -23.95
C GLN C 174 30.50 2.37 -23.57
N CYS C 175 30.02 1.54 -24.51
CA CYS C 175 29.01 0.46 -24.32
C CYS C 175 27.58 1.01 -24.29
N ILE C 176 27.34 2.06 -23.50
CA ILE C 176 25.97 2.53 -23.08
C ILE C 176 25.38 3.52 -24.11
N ASP C 177 26.22 4.14 -24.96
CA ASP C 177 25.75 5.02 -26.06
C ASP C 177 25.36 4.16 -27.27
N GLY C 178 25.93 2.96 -27.40
CA GLY C 178 25.51 1.92 -28.36
C GLY C 178 26.60 1.63 -29.39
OAQ Q5E D . 5.67 16.02 17.77
CAO Q5E D . 4.64 16.35 18.35
CAC Q5E D . 3.42 15.69 18.17
CAD Q5E D . 3.32 14.27 18.83
CAJ Q5E D . 1.86 14.17 19.14
CL2 Q5E D . 0.67 14.23 17.67
CL1 Q5E D . 1.30 12.62 20.00
CL6 Q5E D . 3.90 12.90 17.76
CAE Q5E D . 3.84 14.32 20.15
CL5 Q5E D . 5.37 13.66 20.63
CAF Q5E D . 2.97 14.97 20.91
CL4 Q5E D . 3.16 15.32 22.62
CAA Q5E D . 1.89 15.38 20.05
CL3 Q5E D . 0.30 15.76 20.81
CAB Q5E D . 2.47 16.45 19.06
CAN Q5E D . 3.26 17.42 19.66
OAR Q5E D . 2.79 18.25 20.47
NAP Q5E D . 4.56 17.35 19.26
CAS Q5E D . 5.65 18.27 19.66
CAT Q5E D . 6.68 17.69 20.65
CAU Q5E D . 6.04 17.36 22.02
CAV Q5E D . 7.02 17.69 23.17
CAW Q5E D . 7.94 16.48 23.41
CAX Q5E D . 9.16 16.85 24.29
OAZ Q5E D . 9.17 17.99 24.81
OAY Q5E D . 10.08 16.00 24.38
OAQ Q5E E . -21.10 -13.21 1.68
CAO Q5E E . -21.27 -13.95 0.70
CAC Q5E E . -20.22 -14.23 -0.19
CAD Q5E E . -19.09 -15.16 0.36
CAJ Q5E E . -18.59 -15.82 -0.93
CL2 Q5E E . -17.83 -14.66 -2.23
CL1 Q5E E . -17.24 -17.05 -0.64
CL6 Q5E E . -17.81 -14.29 1.30
CAE Q5E E . -19.65 -16.27 0.99
CL5 Q5E E . -19.63 -16.46 2.74
CAF Q5E E . -20.17 -17.07 0.06
CL4 Q5E E . -21.00 -18.56 0.34
CAA Q5E E . -19.96 -16.42 -1.19
CL3 Q5E E . -19.97 -17.43 -2.66
CAB Q5E E . -20.83 -15.10 -1.23
CAN Q5E E . -22.14 -15.26 -0.82
OAR Q5E E . -22.96 -15.91 -1.46
NAP Q5E E . -22.41 -14.55 0.30
CAS Q5E E . -23.77 -14.59 0.88
CAT Q5E E . -23.79 -15.07 2.33
CAU Q5E E . -24.45 -16.42 2.42
CAV Q5E E . -23.76 -17.25 3.49
CAW Q5E E . -24.21 -18.71 3.38
CAX Q5E E . -22.99 -19.61 3.37
OAZ Q5E E . -22.03 -19.23 4.07
OAY Q5E E . -23.04 -20.64 2.66
OAQ Q5E F . 18.56 -9.25 -14.17
CAO Q5E F . 19.51 -8.46 -14.14
CAC Q5E F . 19.58 -7.40 -13.20
CAD Q5E F . 19.88 -7.79 -11.70
CAJ Q5E F . 20.60 -6.56 -11.21
CL2 Q5E F . 19.56 -5.01 -11.28
CL1 Q5E F . 21.13 -6.64 -9.43
CL6 Q5E F . 18.42 -8.20 -10.72
CAE Q5E F . 20.93 -8.73 -11.63
CL5 Q5E F . 20.70 -10.41 -11.20
CAF Q5E F . 22.06 -8.10 -11.97
CL4 Q5E F . 23.61 -8.81 -12.09
CAA Q5E F . 21.70 -6.74 -12.25
CL3 Q5E F . 23.01 -5.53 -12.10
CAB Q5E F . 20.85 -6.68 -13.56
CAN Q5E F . 21.38 -7.46 -14.60
OAR Q5E F . 22.43 -7.17 -15.17
NAP Q5E F . 20.59 -8.48 -14.94
CAS Q5E F . 20.90 -9.46 -16.03
CAT Q5E F . 22.20 -10.27 -15.76
CAU Q5E F . 21.99 -11.42 -14.78
CAV Q5E F . 22.81 -12.68 -15.15
CAW Q5E F . 24.16 -12.73 -14.40
CAX Q5E F . 24.43 -14.18 -13.99
OAZ Q5E F . 25.15 -14.86 -14.75
OAY Q5E F . 23.88 -14.60 -12.93
#